data_6SYG
#
_entry.id   6SYG
#
_cell.length_a   57.493
_cell.length_b   90.649
_cell.length_c   61.111
_cell.angle_alpha   90.000
_cell.angle_beta   90.000
_cell.angle_gamma   90.000
#
_symmetry.space_group_name_H-M   'C 2 2 21'
#
loop_
_entity.id
_entity.type
_entity.pdbx_description
1 polymer 'Potassium voltage-gated channel subfamily H member 2'
2 water water
#
_entity_poly.entity_id   1
_entity_poly.type   'polypeptide(L)'
_entity_poly.pdbx_seq_one_letter_code
;GAMGRSLLQHCKPFRGATKGCLRALAMKFKTTHAPPGDTLVHAGDLLTALYFISRGSIEILRGDVVVAILGKNDIFGEPL
NLYARPGKSNGDVRALTYCDLHKIHRDDLLEVLDMYPEFSDHFWSSLEITFNLRD
;
_entity_poly.pdbx_strand_id   A
#
# COMPACT_ATOMS: atom_id res chain seq x y z
N GLY A 1 15.60 -0.66 -12.20
CA GLY A 1 14.62 -1.21 -13.11
C GLY A 1 13.34 -0.40 -13.14
N ALA A 2 12.38 -0.80 -13.99
CA ALA A 2 11.16 -0.01 -14.15
C ALA A 2 10.36 0.07 -12.86
N MET A 3 10.21 -1.05 -12.15
CA MET A 3 9.45 -1.00 -10.91
C MET A 3 10.12 -0.09 -9.88
N GLY A 4 11.44 -0.18 -9.74
CA GLY A 4 12.12 0.69 -8.80
C GLY A 4 11.88 2.15 -9.12
N ARG A 5 11.95 2.51 -10.40
CA ARG A 5 11.69 3.89 -10.79
C ARG A 5 10.25 4.28 -10.49
N SER A 6 9.30 3.36 -10.72
CA SER A 6 7.91 3.65 -10.43
C SER A 6 7.71 3.89 -8.94
N LEU A 7 8.36 3.08 -8.10
CA LEU A 7 8.21 3.25 -6.66
C LEU A 7 8.74 4.59 -6.18
N LEU A 8 9.79 5.11 -6.84
CA LEU A 8 10.35 6.40 -6.43
C LEU A 8 9.35 7.54 -6.58
N GLN A 9 8.30 7.36 -7.37
CA GLN A 9 7.28 8.41 -7.43
C GLN A 9 6.60 8.60 -6.08
N HIS A 10 6.64 7.60 -5.20
CA HIS A 10 6.23 7.72 -3.80
C HIS A 10 7.43 8.16 -2.97
N CYS A 11 7.78 9.42 -3.17
CA CYS A 11 8.99 10.07 -2.70
C CYS A 11 9.43 9.71 -1.28
N LYS A 12 8.70 10.13 -0.27
CA LYS A 12 9.33 10.09 1.06
C LYS A 12 9.59 8.68 1.59
N PRO A 13 8.65 7.73 1.49
CA PRO A 13 8.93 6.41 2.09
C PRO A 13 10.12 5.70 1.47
N PHE A 14 10.43 5.97 0.21
CA PHE A 14 11.54 5.30 -0.45
C PHE A 14 12.82 6.12 -0.43
N ARG A 15 12.77 7.31 0.15
CA ARG A 15 13.97 8.14 0.28
C ARG A 15 15.07 7.41 1.03
N GLY A 16 16.26 7.37 0.43
CA GLY A 16 17.40 6.78 1.10
C GLY A 16 17.58 5.30 0.89
N ALA A 17 16.59 4.61 0.29
CA ALA A 17 16.82 3.22 -0.07
C ALA A 17 18.01 3.12 -1.02
N THR A 18 18.97 2.27 -0.67
CA THR A 18 20.10 2.01 -1.56
C THR A 18 19.63 1.17 -2.75
N LYS A 19 20.52 1.03 -3.73
CA LYS A 19 20.17 0.26 -4.92
C LYS A 19 19.73 -1.15 -4.53
N GLY A 20 20.47 -1.80 -3.64
CA GLY A 20 20.11 -3.16 -3.28
C GLY A 20 18.78 -3.22 -2.55
N CYS A 21 18.51 -2.23 -1.71
CA CYS A 21 17.26 -2.20 -0.97
C CYS A 21 16.09 -1.92 -1.90
N LEU A 22 16.22 -0.92 -2.78
CA LEU A 22 15.13 -0.62 -3.71
C LEU A 22 14.89 -1.79 -4.65
N ARG A 23 15.95 -2.46 -5.08
CA ARG A 23 15.79 -3.61 -5.95
C ARG A 23 15.02 -4.73 -5.25
N ALA A 24 15.37 -4.99 -3.98
CA ALA A 24 14.70 -6.05 -3.23
C ALA A 24 13.23 -5.73 -3.01
N LEU A 25 12.91 -4.47 -2.69
CA LEU A 25 11.52 -4.04 -2.59
C LEU A 25 10.80 -4.19 -3.93
N ALA A 26 11.43 -3.71 -5.01
CA ALA A 26 10.80 -3.74 -6.32
C ALA A 26 10.48 -5.18 -6.76
N MET A 27 11.32 -6.15 -6.39
CA MET A 27 11.07 -7.53 -6.79
CA MET A 27 11.07 -7.53 -6.80
C MET A 27 9.80 -8.08 -6.17
N LYS A 28 9.40 -7.55 -5.01
CA LYS A 28 8.21 -8.04 -4.32
C LYS A 28 6.97 -7.19 -4.59
N PHE A 29 7.13 -5.92 -4.98
CA PHE A 29 5.96 -5.14 -5.38
C PHE A 29 5.42 -5.64 -6.72
N LYS A 30 4.11 -5.52 -6.88
CA LYS A 30 3.46 -5.81 -8.15
C LYS A 30 2.61 -4.61 -8.52
N THR A 31 2.39 -4.39 -9.82
CA THR A 31 1.44 -3.37 -10.25
C THR A 31 0.08 -4.00 -10.49
N THR A 32 -0.91 -3.53 -9.73
CA THR A 32 -2.31 -3.93 -9.89
C THR A 32 -2.99 -2.91 -10.79
N HIS A 33 -3.73 -3.39 -11.81
CA HIS A 33 -4.48 -2.51 -12.72
C HIS A 33 -5.96 -2.77 -12.52
N ALA A 34 -6.62 -1.93 -11.70
CA ALA A 34 -8.00 -2.19 -11.32
C ALA A 34 -8.94 -1.40 -12.20
N PRO A 35 -9.90 -2.05 -12.85
CA PRO A 35 -10.90 -1.33 -13.63
C PRO A 35 -11.94 -0.70 -12.71
N PRO A 36 -12.71 0.28 -13.20
CA PRO A 36 -13.75 0.89 -12.37
C PRO A 36 -14.66 -0.13 -11.71
N GLY A 37 -14.89 0.09 -10.42
CA GLY A 37 -15.77 -0.75 -9.63
C GLY A 37 -15.13 -1.96 -9.01
N ASP A 38 -13.89 -2.30 -9.38
CA ASP A 38 -13.29 -3.50 -8.80
C ASP A 38 -12.99 -3.26 -7.32
N THR A 39 -13.34 -4.23 -6.49
CA THR A 39 -13.08 -4.14 -5.05
C THR A 39 -11.72 -4.73 -4.75
N LEU A 40 -10.84 -3.92 -4.16
CA LEU A 40 -9.51 -4.37 -3.82
CA LEU A 40 -9.50 -4.36 -3.81
C LEU A 40 -9.44 -4.97 -2.42
N VAL A 41 -10.22 -4.43 -1.49
CA VAL A 41 -10.29 -4.90 -0.11
C VAL A 41 -11.75 -4.93 0.29
N HIS A 42 -12.18 -6.03 0.89
CA HIS A 42 -13.51 -6.14 1.45
C HIS A 42 -13.50 -5.92 2.95
N ALA A 43 -14.53 -5.26 3.46
CA ALA A 43 -14.65 -5.12 4.91
C ALA A 43 -14.53 -6.47 5.59
N GLY A 44 -13.71 -6.53 6.65
CA GLY A 44 -13.48 -7.76 7.38
C GLY A 44 -12.28 -8.57 6.92
N ASP A 45 -11.77 -8.32 5.71
CA ASP A 45 -10.59 -9.00 5.18
C ASP A 45 -9.38 -8.76 6.07
N LEU A 46 -8.53 -9.78 6.22
CA LEU A 46 -7.21 -9.54 6.80
C LEU A 46 -6.40 -8.55 5.95
N LEU A 47 -5.72 -7.63 6.64
CA LEU A 47 -4.99 -6.54 5.95
C LEU A 47 -3.58 -7.00 5.60
N THR A 48 -3.52 -7.90 4.62
CA THR A 48 -2.26 -8.57 4.30
C THR A 48 -1.53 -7.94 3.11
N ALA A 49 -1.89 -6.74 2.70
CA ALA A 49 -1.11 -6.03 1.69
C ALA A 49 -1.15 -4.53 1.97
N LEU A 50 -0.10 -3.86 1.54
CA LEU A 50 0.01 -2.42 1.61
C LEU A 50 -0.07 -1.87 0.19
N TYR A 51 -0.88 -0.83 -0.02
CA TYR A 51 -1.18 -0.32 -1.36
C TYR A 51 -0.76 1.13 -1.51
N PHE A 52 -0.01 1.42 -2.58
CA PHE A 52 0.34 2.78 -2.98
C PHE A 52 -0.32 3.08 -4.31
N ILE A 53 -1.15 4.14 -4.38
CA ILE A 53 -1.83 4.45 -5.64
C ILE A 53 -0.88 5.19 -6.57
N SER A 54 -0.68 4.65 -7.78
CA SER A 54 0.13 5.34 -8.77
C SER A 54 -0.68 6.38 -9.53
N ARG A 55 -1.88 6.00 -9.98
CA ARG A 55 -2.81 6.95 -10.57
C ARG A 55 -4.22 6.36 -10.54
N GLY A 56 -5.21 7.23 -10.73
CA GLY A 56 -6.60 6.85 -10.61
C GLY A 56 -7.17 7.22 -9.25
N SER A 57 -8.49 7.08 -9.15
CA SER A 57 -9.20 7.39 -7.91
C SER A 57 -9.82 6.12 -7.31
N ILE A 58 -9.78 6.06 -5.98
CA ILE A 58 -10.27 4.95 -5.17
C ILE A 58 -11.34 5.47 -4.23
N GLU A 59 -12.44 4.71 -4.06
CA GLU A 59 -13.45 4.98 -3.03
C GLU A 59 -13.21 4.09 -1.82
N ILE A 60 -13.18 4.68 -0.62
CA ILE A 60 -13.24 3.92 0.63
C ILE A 60 -14.64 4.01 1.16
N LEU A 61 -15.22 2.87 1.52
CA LEU A 61 -16.56 2.83 2.06
C LEU A 61 -16.52 2.33 3.49
N ARG A 62 -17.42 2.85 4.30
CA ARG A 62 -17.74 2.28 5.61
C ARG A 62 -19.21 1.90 5.51
N GLY A 63 -19.49 0.62 5.69
CA GLY A 63 -20.77 0.14 5.19
C GLY A 63 -20.84 0.37 3.70
N ASP A 64 -21.98 0.88 3.24
CA ASP A 64 -22.19 1.22 1.84
CA ASP A 64 -22.21 1.21 1.84
C ASP A 64 -22.11 2.71 1.58
N VAL A 65 -21.50 3.48 2.49
CA VAL A 65 -21.35 4.92 2.35
C VAL A 65 -19.91 5.23 1.97
N VAL A 66 -19.72 6.07 0.96
CA VAL A 66 -18.36 6.49 0.59
C VAL A 66 -17.87 7.49 1.63
N VAL A 67 -16.73 7.19 2.27
CA VAL A 67 -16.21 8.03 3.32
C VAL A 67 -14.89 8.71 2.95
N ALA A 68 -14.19 8.26 1.91
CA ALA A 68 -12.98 8.95 1.47
C ALA A 68 -12.76 8.64 0.00
N ILE A 69 -12.15 9.59 -0.70
CA ILE A 69 -11.61 9.38 -2.05
C ILE A 69 -10.10 9.49 -1.95
N LEU A 70 -9.40 8.49 -2.46
CA LEU A 70 -7.94 8.47 -2.54
C LEU A 70 -7.51 8.53 -3.99
N GLY A 71 -6.33 9.08 -4.23
CA GLY A 71 -5.81 9.20 -5.58
C GLY A 71 -4.31 9.04 -5.61
N LYS A 72 -3.70 9.60 -6.66
CA LYS A 72 -2.27 9.48 -6.87
C LYS A 72 -1.49 9.75 -5.60
N ASN A 73 -0.61 8.80 -5.26
CA ASN A 73 0.34 8.80 -4.16
C ASN A 73 -0.30 8.64 -2.79
N ASP A 74 -1.61 8.41 -2.73
CA ASP A 74 -2.22 8.03 -1.46
C ASP A 74 -1.95 6.55 -1.19
N ILE A 75 -2.09 6.18 0.09
CA ILE A 75 -1.69 4.87 0.60
C ILE A 75 -2.81 4.33 1.47
N PHE A 76 -3.11 3.03 1.35
CA PHE A 76 -4.09 2.45 2.26
C PHE A 76 -3.66 1.04 2.69
N GLY A 77 -4.18 0.63 3.85
CA GLY A 77 -3.74 -0.56 4.55
C GLY A 77 -3.62 -0.22 6.01
N GLU A 78 -2.68 -0.83 6.73
CA GLU A 78 -2.37 -0.48 8.10
C GLU A 78 -0.86 -0.58 8.27
N PRO A 79 -0.30 0.12 9.24
CA PRO A 79 1.13 -0.09 9.54
C PRO A 79 1.37 -1.54 9.91
N LEU A 80 2.35 -2.16 9.26
CA LEU A 80 2.54 -3.60 9.39
C LEU A 80 3.49 -3.96 10.50
N ASN A 81 4.08 -2.97 11.17
CA ASN A 81 5.12 -3.21 12.14
C ASN A 81 4.63 -3.19 13.57
N LEU A 82 3.33 -3.03 13.80
CA LEU A 82 2.82 -2.82 15.14
C LEU A 82 2.26 -4.08 15.80
N TYR A 83 1.82 -5.07 15.03
CA TYR A 83 1.26 -6.30 15.58
C TYR A 83 1.79 -7.49 14.80
N ALA A 84 1.85 -8.65 15.48
CA ALA A 84 2.34 -9.85 14.83
C ALA A 84 1.33 -10.48 13.89
N ARG A 85 0.05 -10.14 14.06
CA ARG A 85 -1.04 -10.64 13.24
C ARG A 85 -1.69 -9.50 12.46
N PRO A 86 -2.12 -9.75 11.22
CA PRO A 86 -2.84 -8.70 10.49
C PRO A 86 -4.15 -8.38 11.17
N GLY A 87 -4.52 -7.09 11.13
CA GLY A 87 -5.86 -6.67 11.50
C GLY A 87 -6.84 -6.94 10.39
N LYS A 88 -8.09 -6.55 10.64
CA LYS A 88 -9.17 -6.73 9.68
C LYS A 88 -9.61 -5.38 9.14
N SER A 89 -10.06 -5.36 7.89
CA SER A 89 -10.40 -4.08 7.28
C SER A 89 -11.70 -3.49 7.83
N ASN A 90 -11.65 -2.19 8.15
CA ASN A 90 -12.86 -1.51 8.59
C ASN A 90 -13.74 -1.05 7.44
N GLY A 91 -13.34 -1.31 6.19
CA GLY A 91 -14.14 -0.83 5.08
C GLY A 91 -13.82 -1.52 3.78
N ASP A 92 -14.69 -1.30 2.81
CA ASP A 92 -14.46 -1.72 1.43
C ASP A 92 -13.60 -0.68 0.72
N VAL A 93 -12.75 -1.15 -0.18
CA VAL A 93 -11.92 -0.29 -0.99
C VAL A 93 -12.17 -0.68 -2.44
N ARG A 94 -12.60 0.30 -3.25
CA ARG A 94 -13.02 -0.03 -4.60
C ARG A 94 -12.54 1.05 -5.57
N ALA A 95 -12.22 0.63 -6.82
CA ALA A 95 -11.82 1.61 -7.83
C ALA A 95 -13.00 2.46 -8.26
N LEU A 96 -12.79 3.79 -8.27
CA LEU A 96 -13.75 4.72 -8.87
C LEU A 96 -13.50 4.85 -10.37
N THR A 97 -12.24 5.11 -10.75
CA THR A 97 -11.79 5.15 -12.14
C THR A 97 -10.92 3.92 -12.38
N TYR A 98 -10.38 3.78 -13.59
CA TYR A 98 -9.26 2.85 -13.73
C TYR A 98 -8.15 3.29 -12.80
N CYS A 99 -7.54 2.32 -12.12
CA CYS A 99 -6.50 2.60 -11.14
CA CYS A 99 -6.50 2.62 -11.13
C CYS A 99 -5.29 1.73 -11.38
N ASP A 100 -4.10 2.31 -11.19
CA ASP A 100 -2.85 1.57 -11.20
C ASP A 100 -2.29 1.68 -9.78
N LEU A 101 -2.04 0.55 -9.15
CA LEU A 101 -1.57 0.53 -7.77
C LEU A 101 -0.30 -0.29 -7.66
N HIS A 102 0.56 0.13 -6.75
CA HIS A 102 1.72 -0.68 -6.36
C HIS A 102 1.36 -1.39 -5.07
N LYS A 103 1.35 -2.72 -5.13
CA LYS A 103 0.87 -3.57 -4.05
C LYS A 103 2.00 -4.45 -3.57
N ILE A 104 2.22 -4.52 -2.25
CA ILE A 104 3.19 -5.48 -1.71
C ILE A 104 2.52 -6.24 -0.58
N HIS A 105 2.71 -7.55 -0.58
CA HIS A 105 2.15 -8.37 0.49
C HIS A 105 2.91 -8.12 1.79
N ARG A 106 2.16 -8.17 2.90
CA ARG A 106 2.71 -7.96 4.23
C ARG A 106 3.94 -8.83 4.50
N ASP A 107 3.83 -10.13 4.20
CA ASP A 107 4.94 -11.01 4.54
C ASP A 107 6.17 -10.64 3.73
N ASP A 108 5.98 -10.25 2.46
CA ASP A 108 7.11 -9.93 1.61
C ASP A 108 7.78 -8.64 2.05
N LEU A 109 6.98 -7.63 2.39
CA LEU A 109 7.56 -6.36 2.83
C LEU A 109 8.32 -6.55 4.14
N LEU A 110 7.74 -7.27 5.08
CA LEU A 110 8.45 -7.46 6.34
C LEU A 110 9.75 -8.24 6.13
N GLU A 111 9.74 -9.21 5.20
CA GLU A 111 10.95 -9.99 4.94
C GLU A 111 12.05 -9.12 4.34
N VAL A 112 11.72 -8.27 3.38
CA VAL A 112 12.73 -7.35 2.83
C VAL A 112 13.25 -6.44 3.92
N LEU A 113 12.35 -5.87 4.72
CA LEU A 113 12.78 -4.90 5.71
C LEU A 113 13.64 -5.54 6.79
N ASP A 114 13.54 -6.87 6.97
CA ASP A 114 14.49 -7.57 7.83
C ASP A 114 15.93 -7.33 7.41
N MET A 115 16.18 -7.17 6.12
CA MET A 115 17.55 -7.02 5.64
C MET A 115 18.03 -5.58 5.72
N TYR A 116 17.15 -4.64 6.02
CA TYR A 116 17.47 -3.21 5.96
C TYR A 116 16.85 -2.54 7.18
N PRO A 117 17.37 -2.84 8.38
CA PRO A 117 16.69 -2.35 9.59
C PRO A 117 16.69 -0.83 9.72
N GLU A 118 17.74 -0.16 9.29
CA GLU A 118 17.73 1.30 9.41
C GLU A 118 16.75 1.90 8.39
N PHE A 119 16.70 1.36 7.16
CA PHE A 119 15.67 1.81 6.23
C PHE A 119 14.28 1.51 6.75
N SER A 120 14.10 0.34 7.37
CA SER A 120 12.80 -0.01 7.94
C SER A 120 12.33 1.03 8.93
N ASP A 121 13.24 1.56 9.76
CA ASP A 121 12.85 2.60 10.71
C ASP A 121 12.39 3.86 9.98
N HIS A 122 13.12 4.26 8.95
CA HIS A 122 12.71 5.40 8.16
C HIS A 122 11.38 5.14 7.47
N PHE A 123 11.20 3.94 6.92
CA PHE A 123 10.00 3.63 6.17
C PHE A 123 8.76 3.78 7.03
N TRP A 124 8.71 3.13 8.19
CA TRP A 124 7.51 3.20 9.01
C TRP A 124 7.32 4.60 9.61
N SER A 125 8.41 5.31 9.88
CA SER A 125 8.29 6.65 10.43
CA SER A 125 8.29 6.65 10.43
C SER A 125 7.74 7.62 9.39
N SER A 126 8.17 7.49 8.14
CA SER A 126 7.79 8.44 7.11
C SER A 126 6.57 8.01 6.31
N LEU A 127 6.17 6.75 6.41
CA LEU A 127 4.91 6.33 5.81
C LEU A 127 3.79 7.09 6.46
N GLU A 128 3.00 7.74 5.65
CA GLU A 128 1.85 8.46 6.14
C GLU A 128 0.69 7.78 5.43
N ILE A 129 0.15 6.73 6.06
CA ILE A 129 -0.95 6.01 5.44
C ILE A 129 -2.15 6.94 5.37
N THR A 130 -2.68 7.12 4.17
CA THR A 130 -3.74 8.10 3.93
C THR A 130 -5.04 7.64 4.55
N PHE A 131 -5.35 6.35 4.43
CA PHE A 131 -6.52 5.78 5.07
C PHE A 131 -6.12 4.48 5.76
N ASN A 132 -6.10 4.52 7.09
CA ASN A 132 -5.81 3.35 7.91
C ASN A 132 -7.06 2.49 8.02
N LEU A 133 -7.00 1.28 7.46
CA LEU A 133 -8.14 0.39 7.42
C LEU A 133 -8.28 -0.50 8.65
N ARG A 134 -7.43 -0.35 9.67
CA ARG A 134 -7.52 -1.25 10.81
C ARG A 134 -8.83 -1.09 11.56
N ASP A 135 -9.56 -2.19 11.72
CA ASP A 135 -10.81 -2.19 12.49
C ASP A 135 -10.55 -2.35 13.97
#